data_8AR0
#
_entry.id   8AR0
#
_cell.length_a   1.000
_cell.length_b   1.000
_cell.length_c   1.000
_cell.angle_alpha   90.00
_cell.angle_beta   90.00
_cell.angle_gamma   90.00
#
_symmetry.space_group_name_H-M   'P 1'
#
_entity_poly.entity_id   1
_entity_poly.type   'polypeptide(L)'
_entity_poly.pdbx_seq_one_letter_code
;MSVSECHRTALVSGMCCALFLLILLTGVLCHRFHGLWYMKMMWAWLQAKR
;
_entity_poly.pdbx_strand_id   A
#
# COMPACT_ATOMS: atom_id res chain seq x y z
N MET A 1 22.24 17.03 -12.92
CA MET A 1 23.42 17.18 -13.76
C MET A 1 23.13 18.09 -14.95
N SER A 2 21.91 18.02 -15.46
CA SER A 2 21.50 18.84 -16.60
C SER A 2 21.04 20.22 -16.14
N VAL A 3 21.54 21.26 -16.79
CA VAL A 3 21.17 22.62 -16.46
C VAL A 3 19.65 22.79 -16.40
N SER A 4 18.95 22.02 -17.23
CA SER A 4 17.49 22.08 -17.28
C SER A 4 16.89 21.81 -15.90
N GLU A 5 15.83 22.54 -15.56
CA GLU A 5 15.17 22.38 -14.28
C GLU A 5 14.05 21.35 -14.37
N CYS A 6 13.46 21.23 -15.56
CA CYS A 6 12.38 20.27 -15.77
C CYS A 6 12.77 18.88 -15.28
N HIS A 7 14.06 18.58 -15.34
CA HIS A 7 14.56 17.28 -14.90
C HIS A 7 14.02 16.93 -13.51
N ARG A 8 13.81 17.97 -12.69
CA ARG A 8 13.30 17.77 -11.34
C ARG A 8 11.97 17.01 -11.36
N THR A 9 11.12 17.35 -12.32
CA THR A 9 9.82 16.70 -12.45
C THR A 9 9.97 15.19 -12.54
N ALA A 10 11.03 14.74 -13.20
CA ALA A 10 11.29 13.31 -13.35
C ALA A 10 11.57 12.65 -12.01
N LEU A 11 12.58 13.16 -11.30
CA LEU A 11 12.94 12.62 -10.00
C LEU A 11 11.73 12.52 -9.08
N VAL A 12 10.86 13.53 -9.17
CA VAL A 12 9.65 13.56 -8.34
C VAL A 12 8.60 12.60 -8.88
N SER A 13 8.55 12.45 -10.21
CA SER A 13 7.58 11.57 -10.85
C SER A 13 7.87 10.11 -10.49
N GLY A 14 9.15 9.78 -10.34
CA GLY A 14 9.53 8.42 -10.00
C GLY A 14 8.96 7.97 -8.68
N MET A 15 9.07 8.83 -7.66
CA MET A 15 8.57 8.51 -6.34
C MET A 15 7.05 8.52 -6.32
N CYS A 16 6.45 9.44 -7.06
CA CYS A 16 4.99 9.55 -7.14
C CYS A 16 4.38 8.25 -7.64
N CYS A 17 5.08 7.59 -8.56
CA CYS A 17 4.59 6.34 -9.13
C CYS A 17 4.84 5.17 -8.17
N ALA A 18 6.05 5.12 -7.61
CA ALA A 18 6.41 4.06 -6.67
C ALA A 18 5.40 3.97 -5.53
N LEU A 19 4.86 5.12 -5.12
CA LEU A 19 3.88 5.16 -4.03
C LEU A 19 2.63 4.39 -4.41
N PHE A 20 2.22 4.48 -5.67
CA PHE A 20 1.04 3.79 -6.15
C PHE A 20 1.23 2.27 -6.09
N LEU A 21 2.43 1.83 -6.43
CA LEU A 21 2.75 0.40 -6.42
C LEU A 21 2.59 -0.17 -5.02
N LEU A 22 2.89 0.64 -4.00
CA LEU A 22 2.78 0.21 -2.62
C LEU A 22 1.35 -0.25 -2.30
N ILE A 23 0.38 0.43 -2.90
CA ILE A 23 -1.02 0.10 -2.69
C ILE A 23 -1.39 -1.22 -3.37
N LEU A 24 -0.75 -1.49 -4.49
CA LEU A 24 -1.01 -2.71 -5.24
C LEU A 24 -0.29 -3.90 -4.61
N LEU A 25 0.93 -3.67 -4.15
CA LEU A 25 1.73 -4.71 -3.52
C LEU A 25 0.94 -5.40 -2.40
N THR A 26 0.22 -4.59 -1.62
CA THR A 26 -0.59 -5.11 -0.52
C THR A 26 -1.46 -6.28 -0.98
N GLY A 27 -1.86 -6.24 -2.24
CA GLY A 27 -2.71 -7.30 -2.78
C GLY A 27 -1.94 -8.59 -3.01
N VAL A 28 -0.68 -8.45 -3.43
CA VAL A 28 0.16 -9.62 -3.69
C VAL A 28 0.18 -10.56 -2.50
N LEU A 29 0.38 -10.00 -1.31
CA LEU A 29 0.42 -10.79 -0.09
C LEU A 29 -0.98 -11.23 0.33
N CYS A 30 -1.96 -10.38 0.07
CA CYS A 30 -3.34 -10.68 0.41
C CYS A 30 -3.76 -12.04 -0.14
N HIS A 31 -3.26 -12.38 -1.32
CA HIS A 31 -3.58 -13.65 -1.95
C HIS A 31 -2.85 -14.80 -1.25
N ARG A 32 -1.52 -14.70 -1.18
CA ARG A 32 -0.72 -15.73 -0.53
C ARG A 32 -1.20 -15.98 0.89
N PHE A 33 -1.67 -14.94 1.55
CA PHE A 33 -2.16 -15.06 2.92
C PHE A 33 -3.68 -14.90 2.97
N HIS A 34 -4.35 -15.28 1.88
CA HIS A 34 -5.79 -15.18 1.79
C HIS A 34 -6.46 -16.02 2.88
N GLY A 35 -5.85 -17.16 3.19
CA GLY A 35 -6.40 -18.04 4.21
C GLY A 35 -6.03 -17.60 5.62
N LEU A 36 -4.75 -17.34 5.82
CA LEU A 36 -4.27 -16.91 7.14
C LEU A 36 -4.99 -15.64 7.60
N TRP A 37 -5.38 -14.81 6.64
CA TRP A 37 -6.08 -13.58 6.95
C TRP A 37 -7.24 -13.82 7.89
N TYR A 38 -8.12 -14.74 7.52
CA TYR A 38 -9.27 -15.08 8.34
C TYR A 38 -8.84 -15.76 9.64
N MET A 39 -7.82 -16.60 9.55
CA MET A 39 -7.31 -17.30 10.71
C MET A 39 -6.98 -16.33 11.84
N LYS A 40 -6.23 -15.28 11.52
CA LYS A 40 -5.84 -14.28 12.49
C LYS A 40 -7.03 -13.39 12.87
N MET A 41 -7.75 -12.92 11.85
CA MET A 41 -8.91 -12.06 12.06
C MET A 41 -9.88 -12.70 13.06
N MET A 42 -10.03 -14.01 12.96
CA MET A 42 -10.92 -14.75 13.85
C MET A 42 -10.64 -14.41 15.30
N TRP A 43 -9.36 -14.28 15.64
CA TRP A 43 -8.96 -13.96 17.01
C TRP A 43 -9.46 -12.57 17.41
N ALA A 44 -9.40 -11.63 16.47
CA ALA A 44 -9.85 -10.27 16.73
C ALA A 44 -11.37 -10.20 16.82
N TRP A 45 -12.05 -11.00 16.00
CA TRP A 45 -13.50 -11.03 15.99
C TRP A 45 -14.04 -11.55 17.32
N LEU A 46 -13.73 -12.81 17.63
CA LEU A 46 -14.20 -13.42 18.87
C LEU A 46 -13.77 -12.59 20.08
N GLN A 47 -12.59 -12.01 20.00
CA GLN A 47 -12.07 -11.18 21.09
C GLN A 47 -13.08 -10.12 21.49
N ALA A 48 -13.78 -9.57 20.50
CA ALA A 48 -14.79 -8.54 20.77
C ALA A 48 -16.03 -9.14 21.41
N LYS A 49 -16.38 -10.35 21.00
CA LYS A 49 -17.55 -11.03 21.52
C LYS A 49 -18.83 -10.26 21.19
N ARG A 50 -18.95 -9.84 19.95
CA ARG A 50 -20.12 -9.09 19.50
C ARG A 50 -21.39 -9.95 19.60
N MET A 1 25.90 20.26 -21.56
CA MET A 1 24.58 20.06 -21.02
C MET A 1 24.56 20.28 -19.51
N SER A 2 23.56 21.02 -19.03
CA SER A 2 23.44 21.31 -17.61
C SER A 2 22.07 20.88 -17.09
N VAL A 3 21.93 20.84 -15.76
CA VAL A 3 20.67 20.45 -15.14
C VAL A 3 19.53 21.37 -15.58
N SER A 4 18.30 20.92 -15.32
CA SER A 4 17.12 21.70 -15.70
C SER A 4 15.91 21.28 -14.87
N GLU A 5 14.89 22.12 -14.85
CA GLU A 5 13.67 21.83 -14.10
C GLU A 5 13.00 20.57 -14.61
N CYS A 6 13.06 20.35 -15.92
CA CYS A 6 12.45 19.18 -16.54
C CYS A 6 12.94 17.90 -15.85
N HIS A 7 14.21 17.89 -15.47
CA HIS A 7 14.80 16.72 -14.81
C HIS A 7 14.16 16.50 -13.44
N ARG A 8 14.05 17.57 -12.66
CA ARG A 8 13.45 17.48 -11.33
C ARG A 8 12.10 16.81 -11.38
N THR A 9 11.32 17.13 -12.41
CA THR A 9 9.99 16.55 -12.57
C THR A 9 10.04 15.02 -12.56
N ALA A 10 11.11 14.47 -13.12
CA ALA A 10 11.29 13.02 -13.17
C ALA A 10 11.44 12.45 -11.76
N LEU A 11 12.44 12.93 -11.04
CA LEU A 11 12.70 12.47 -9.67
C LEU A 11 11.43 12.50 -8.84
N VAL A 12 10.62 13.54 -9.04
CA VAL A 12 9.37 13.70 -8.31
C VAL A 12 8.30 12.77 -8.85
N SER A 13 8.32 12.54 -10.16
CA SER A 13 7.34 11.67 -10.81
C SER A 13 7.57 10.21 -10.42
N GLY A 14 8.84 9.86 -10.22
CA GLY A 14 9.18 8.49 -9.86
C GLY A 14 8.67 8.12 -8.47
N MET A 15 8.81 9.05 -7.53
CA MET A 15 8.36 8.82 -6.16
C MET A 15 6.83 8.80 -6.08
N CYS A 16 6.20 9.71 -6.82
CA CYS A 16 4.74 9.79 -6.83
C CYS A 16 4.13 8.53 -7.41
N CYS A 17 4.79 7.96 -8.41
CA CYS A 17 4.32 6.75 -9.06
C CYS A 17 4.66 5.51 -8.23
N ALA A 18 5.90 5.44 -7.78
CA ALA A 18 6.35 4.30 -6.97
C ALA A 18 5.43 4.08 -5.78
N LEU A 19 4.91 5.17 -5.22
CA LEU A 19 4.02 5.10 -4.08
C LEU A 19 2.75 4.33 -4.41
N PHE A 20 2.27 4.52 -5.63
CA PHE A 20 1.06 3.84 -6.10
C PHE A 20 1.28 2.34 -6.19
N LEU A 21 2.47 1.95 -6.66
CA LEU A 21 2.81 0.54 -6.80
C LEU A 21 2.77 -0.18 -5.46
N LEU A 22 3.12 0.55 -4.40
CA LEU A 22 3.12 -0.01 -3.06
C LEU A 22 1.74 -0.54 -2.69
N ILE A 23 0.71 0.17 -3.14
CA ILE A 23 -0.67 -0.24 -2.86
C ILE A 23 -1.02 -1.54 -3.56
N LEU A 24 -0.51 -1.71 -4.77
CA LEU A 24 -0.77 -2.92 -5.56
C LEU A 24 -0.12 -4.14 -4.89
N LEU A 25 1.09 -3.95 -4.39
CA LEU A 25 1.82 -5.04 -3.74
C LEU A 25 1.08 -5.51 -2.48
N THR A 26 0.63 -4.56 -1.67
CA THR A 26 -0.10 -4.87 -0.45
C THR A 26 -1.23 -5.85 -0.72
N GLY A 27 -1.85 -5.72 -1.88
CA GLY A 27 -2.94 -6.60 -2.24
C GLY A 27 -2.49 -8.03 -2.49
N VAL A 28 -1.27 -8.18 -3.01
CA VAL A 28 -0.72 -9.50 -3.30
C VAL A 28 -0.78 -10.39 -2.06
N LEU A 29 -0.34 -9.86 -0.92
CA LEU A 29 -0.35 -10.61 0.33
C LEU A 29 -1.76 -10.73 0.88
N CYS A 30 -2.58 -9.71 0.64
CA CYS A 30 -3.96 -9.72 1.11
C CYS A 30 -4.67 -11.00 0.73
N HIS A 31 -4.35 -11.51 -0.46
CA HIS A 31 -4.96 -12.74 -0.95
C HIS A 31 -4.45 -13.96 -0.18
N ARG A 32 -3.18 -13.92 0.20
CA ARG A 32 -2.57 -15.01 0.95
C ARG A 32 -3.01 -14.98 2.41
N PHE A 33 -3.25 -13.78 2.93
CA PHE A 33 -3.69 -13.62 4.31
C PHE A 33 -5.21 -13.49 4.40
N HIS A 34 -5.90 -14.09 3.45
CA HIS A 34 -7.36 -14.04 3.41
C HIS A 34 -7.95 -14.81 4.59
N GLY A 35 -7.30 -15.89 4.97
CA GLY A 35 -7.78 -16.70 6.07
C GLY A 35 -7.36 -16.15 7.42
N LEU A 36 -6.15 -15.59 7.49
CA LEU A 36 -5.64 -15.02 8.73
C LEU A 36 -6.43 -13.79 9.12
N TRP A 37 -6.95 -13.07 8.13
CA TRP A 37 -7.73 -11.86 8.38
C TRP A 37 -8.80 -12.11 9.45
N TYR A 38 -9.69 -13.06 9.16
CA TYR A 38 -10.76 -13.40 10.09
C TYR A 38 -10.20 -13.88 11.42
N MET A 39 -9.09 -14.59 11.36
CA MET A 39 -8.45 -15.12 12.57
C MET A 39 -8.03 -13.98 13.50
N LYS A 40 -7.41 -12.96 12.91
CA LYS A 40 -6.95 -11.80 13.68
C LYS A 40 -8.14 -10.97 14.16
N MET A 41 -9.16 -10.86 13.33
CA MET A 41 -10.35 -10.09 13.68
C MET A 41 -11.11 -10.75 14.82
N MET A 42 -11.10 -12.08 14.85
CA MET A 42 -11.78 -12.83 15.91
C MET A 42 -11.36 -12.33 17.28
N TRP A 43 -10.06 -12.14 17.46
CA TRP A 43 -9.53 -11.67 18.74
C TRP A 43 -10.06 -10.27 19.07
N ALA A 44 -10.16 -9.43 18.05
CA ALA A 44 -10.66 -8.07 18.24
C ALA A 44 -12.16 -8.06 18.53
N TRP A 45 -12.88 -8.99 17.91
CA TRP A 45 -14.33 -9.10 18.11
C TRP A 45 -14.64 -9.56 19.52
N LEU A 46 -14.21 -10.76 19.87
CA LEU A 46 -14.44 -11.31 21.19
C LEU A 46 -13.94 -10.37 22.28
N GLN A 47 -12.83 -9.70 22.00
CA GLN A 47 -12.23 -8.76 22.95
C GLN A 47 -13.27 -7.76 23.43
N ALA A 48 -14.16 -7.36 22.54
CA ALA A 48 -15.21 -6.39 22.87
C ALA A 48 -16.20 -6.98 23.87
N LYS A 49 -16.47 -8.28 23.73
CA LYS A 49 -17.40 -8.96 24.61
C LYS A 49 -16.74 -9.30 25.94
N ARG A 50 -15.77 -10.21 25.89
CA ARG A 50 -15.05 -10.63 27.10
C ARG A 50 -13.64 -10.04 27.12
N MET A 1 26.24 26.96 -15.08
CA MET A 1 25.22 25.94 -15.29
C MET A 1 24.55 25.56 -13.96
N SER A 2 23.32 25.06 -14.06
CA SER A 2 22.57 24.68 -12.87
C SER A 2 21.60 23.54 -13.19
N VAL A 3 21.05 22.92 -12.15
CA VAL A 3 20.11 21.82 -12.31
C VAL A 3 18.91 22.24 -13.15
N SER A 4 18.44 21.33 -14.00
CA SER A 4 17.30 21.61 -14.86
C SER A 4 15.99 21.34 -14.12
N GLU A 5 15.04 22.28 -14.25
CA GLU A 5 13.75 22.14 -13.60
C GLU A 5 12.94 21.00 -14.22
N CYS A 6 13.07 20.85 -15.53
CA CYS A 6 12.35 19.79 -16.24
C CYS A 6 12.81 18.41 -15.78
N HIS A 7 14.11 18.26 -15.57
CA HIS A 7 14.67 16.98 -15.13
C HIS A 7 14.20 16.65 -13.71
N ARG A 8 14.32 17.63 -12.81
CA ARG A 8 13.91 17.43 -11.42
C ARG A 8 12.48 16.88 -11.35
N THR A 9 11.60 17.42 -12.19
CA THR A 9 10.21 16.99 -12.22
C THR A 9 10.11 15.47 -12.39
N ALA A 10 10.94 14.92 -13.28
CA ALA A 10 10.94 13.48 -13.51
C ALA A 10 11.34 12.71 -12.26
N LEU A 11 12.52 13.02 -11.73
CA LEU A 11 13.01 12.36 -10.54
C LEU A 11 11.97 12.37 -9.42
N VAL A 12 11.30 13.51 -9.27
CA VAL A 12 10.27 13.66 -8.25
C VAL A 12 9.01 12.89 -8.62
N SER A 13 8.73 12.83 -9.92
CA SER A 13 7.55 12.12 -10.41
C SER A 13 7.61 10.64 -10.05
N GLY A 14 8.82 10.09 -10.04
CA GLY A 14 8.99 8.69 -9.70
C GLY A 14 8.40 8.33 -8.36
N MET A 15 8.62 9.18 -7.37
CA MET A 15 8.10 8.96 -6.02
C MET A 15 6.58 8.86 -6.03
N CYS A 16 5.95 9.65 -6.90
CA CYS A 16 4.50 9.65 -7.02
C CYS A 16 3.99 8.33 -7.57
N CYS A 17 4.76 7.74 -8.49
CA CYS A 17 4.39 6.48 -9.11
C CYS A 17 4.69 5.31 -8.17
N ALA A 18 5.88 5.33 -7.57
CA ALA A 18 6.28 4.27 -6.65
C ALA A 18 5.24 4.06 -5.56
N LEU A 19 4.62 5.16 -5.13
CA LEU A 19 3.60 5.09 -4.08
C LEU A 19 2.42 4.23 -4.52
N PHE A 20 2.07 4.33 -5.79
CA PHE A 20 0.96 3.56 -6.35
C PHE A 20 1.26 2.06 -6.32
N LEU A 21 2.52 1.72 -6.63
CA LEU A 21 2.94 0.32 -6.64
C LEU A 21 2.78 -0.31 -5.26
N LEU A 22 2.98 0.49 -4.22
CA LEU A 22 2.85 0.02 -2.85
C LEU A 22 1.45 -0.56 -2.60
N ILE A 23 0.45 0.05 -3.21
CA ILE A 23 -0.93 -0.41 -3.06
C ILE A 23 -1.13 -1.77 -3.71
N LEU A 24 -0.47 -1.98 -4.84
CA LEU A 24 -0.57 -3.25 -5.57
C LEU A 24 0.05 -4.38 -4.77
N LEU A 25 1.19 -4.12 -4.15
CA LEU A 25 1.88 -5.11 -3.35
C LEU A 25 1.03 -5.55 -2.17
N THR A 26 0.44 -4.59 -1.48
CA THR A 26 -0.40 -4.88 -0.33
C THR A 26 -1.45 -5.93 -0.66
N GLY A 27 -1.94 -5.90 -1.90
CA GLY A 27 -2.94 -6.87 -2.32
C GLY A 27 -2.39 -8.27 -2.42
N VAL A 28 -1.12 -8.37 -2.78
CA VAL A 28 -0.46 -9.68 -2.92
C VAL A 28 -0.63 -10.51 -1.65
N LEU A 29 -0.47 -9.87 -0.50
CA LEU A 29 -0.60 -10.56 0.77
C LEU A 29 -2.08 -10.75 1.13
N CYS A 30 -2.91 -9.79 0.74
CA CYS A 30 -4.34 -9.86 1.03
C CYS A 30 -4.92 -11.20 0.58
N HIS A 31 -4.41 -11.72 -0.54
CA HIS A 31 -4.88 -12.99 -1.07
C HIS A 31 -4.31 -14.16 -0.26
N ARG A 32 -3.07 -14.01 0.19
CA ARG A 32 -2.41 -15.05 0.98
C ARG A 32 -3.04 -15.15 2.37
N PHE A 33 -3.48 -14.02 2.90
CA PHE A 33 -4.09 -14.00 4.22
C PHE A 33 -5.59 -13.67 4.12
N HIS A 34 -6.19 -14.06 3.00
CA HIS A 34 -7.61 -13.81 2.78
C HIS A 34 -8.45 -14.49 3.87
N GLY A 35 -8.00 -15.65 4.33
CA GLY A 35 -8.71 -16.37 5.35
C GLY A 35 -8.60 -15.71 6.71
N LEU A 36 -7.39 -15.36 7.10
CA LEU A 36 -7.15 -14.71 8.39
C LEU A 36 -7.83 -13.34 8.45
N TRP A 37 -7.96 -12.71 7.29
CA TRP A 37 -8.58 -11.39 7.22
C TRP A 37 -9.92 -11.38 7.96
N TYR A 38 -10.85 -12.21 7.51
CA TYR A 38 -12.17 -12.30 8.13
C TYR A 38 -12.05 -12.69 9.60
N MET A 39 -11.08 -13.55 9.90
CA MET A 39 -10.86 -14.00 11.26
C MET A 39 -10.49 -12.84 12.18
N LYS A 40 -9.62 -11.97 11.71
CA LYS A 40 -9.19 -10.81 12.47
C LYS A 40 -10.34 -9.81 12.63
N MET A 41 -11.15 -9.69 11.59
CA MET A 41 -12.29 -8.78 11.62
C MET A 41 -13.35 -9.25 12.61
N MET A 42 -13.52 -10.56 12.71
CA MET A 42 -14.50 -11.14 13.62
C MET A 42 -14.32 -10.59 15.04
N TRP A 43 -13.06 -10.42 15.45
CA TRP A 43 -12.77 -9.89 16.78
C TRP A 43 -13.27 -8.46 16.92
N ALA A 44 -13.05 -7.65 15.89
CA ALA A 44 -13.49 -6.26 15.90
C ALA A 44 -15.00 -6.16 15.86
N TRP A 45 -15.64 -7.07 15.14
CA TRP A 45 -17.09 -7.08 15.02
C TRP A 45 -17.74 -7.40 16.36
N LEU A 46 -17.51 -8.61 16.86
CA LEU A 46 -18.07 -9.04 18.14
C LEU A 46 -17.71 -8.06 19.25
N GLN A 47 -16.50 -7.51 19.17
CA GLN A 47 -16.02 -6.56 20.18
C GLN A 47 -17.03 -5.43 20.35
N ALA A 48 -17.66 -5.01 19.26
CA ALA A 48 -18.64 -3.94 19.30
C ALA A 48 -19.96 -4.41 19.91
N LYS A 49 -20.31 -5.67 19.64
CA LYS A 49 -21.54 -6.24 20.16
C LYS A 49 -22.76 -5.49 19.64
N ARG A 50 -22.79 -5.27 18.33
CA ARG A 50 -23.90 -4.57 17.70
C ARG A 50 -24.25 -5.20 16.36
N MET A 1 26.82 19.32 -11.34
CA MET A 1 25.72 18.92 -12.22
C MET A 1 24.66 20.01 -12.29
N SER A 2 23.94 20.05 -13.41
CA SER A 2 22.89 21.05 -13.61
C SER A 2 21.52 20.46 -13.32
N VAL A 3 20.76 21.14 -12.46
CA VAL A 3 19.43 20.69 -12.08
C VAL A 3 18.37 21.69 -12.52
N SER A 4 17.67 21.37 -13.61
CA SER A 4 16.62 22.25 -14.13
C SER A 4 15.28 21.95 -13.47
N GLU A 5 14.32 22.84 -13.67
CA GLU A 5 12.98 22.67 -13.10
C GLU A 5 12.24 21.52 -13.78
N CYS A 6 12.42 21.41 -15.09
CA CYS A 6 11.76 20.35 -15.86
C CYS A 6 12.34 18.99 -15.52
N HIS A 7 13.66 18.94 -15.30
CA HIS A 7 14.34 17.69 -14.96
C HIS A 7 13.95 17.24 -13.56
N ARG A 8 13.96 18.16 -12.61
CA ARG A 8 13.62 17.84 -11.23
C ARG A 8 12.26 17.13 -11.16
N THR A 9 11.31 17.60 -11.97
CA THR A 9 9.98 17.01 -11.99
C THR A 9 10.04 15.51 -12.23
N ALA A 10 11.01 15.10 -13.05
CA ALA A 10 11.18 13.68 -13.36
C ALA A 10 11.57 12.88 -12.12
N LEU A 11 12.67 13.28 -11.49
CA LEU A 11 13.14 12.60 -10.29
C LEU A 11 12.02 12.46 -9.26
N VAL A 12 11.20 13.50 -9.16
CA VAL A 12 10.08 13.49 -8.22
C VAL A 12 8.93 12.62 -8.73
N SER A 13 8.75 12.61 -10.04
CA SER A 13 7.68 11.82 -10.65
C SER A 13 7.86 10.34 -10.34
N GLY A 14 9.11 9.90 -10.25
CA GLY A 14 9.39 8.51 -9.97
C GLY A 14 8.75 8.05 -8.68
N MET A 15 8.90 8.83 -7.62
CA MET A 15 8.34 8.50 -6.31
C MET A 15 6.81 8.46 -6.39
N CYS A 16 6.24 9.37 -7.17
CA CYS A 16 4.79 9.44 -7.31
C CYS A 16 4.23 8.13 -7.86
N CYS A 17 5.00 7.50 -8.74
CA CYS A 17 4.58 6.23 -9.34
C CYS A 17 4.84 5.07 -8.40
N ALA A 18 6.05 5.02 -7.84
CA ALA A 18 6.42 3.96 -6.91
C ALA A 18 5.40 3.82 -5.80
N LEU A 19 4.83 4.95 -5.38
CA LEU A 19 3.83 4.95 -4.31
C LEU A 19 2.61 4.13 -4.70
N PHE A 20 2.20 4.25 -5.96
CA PHE A 20 1.05 3.52 -6.47
C PHE A 20 1.29 2.01 -6.42
N LEU A 21 2.52 1.61 -6.73
CA LEU A 21 2.88 0.20 -6.72
C LEU A 21 2.73 -0.40 -5.33
N LEU A 22 2.99 0.41 -4.31
CA LEU A 22 2.88 -0.03 -2.92
C LEU A 22 1.47 -0.53 -2.62
N ILE A 23 0.48 0.12 -3.22
CA ILE A 23 -0.91 -0.26 -3.03
C ILE A 23 -1.20 -1.64 -3.61
N LEU A 24 -0.58 -1.93 -4.75
CA LEU A 24 -0.77 -3.23 -5.40
C LEU A 24 -0.21 -4.35 -4.55
N LEU A 25 0.97 -4.14 -3.99
CA LEU A 25 1.62 -5.14 -3.14
C LEU A 25 0.77 -5.45 -1.92
N THR A 26 0.23 -4.41 -1.30
CA THR A 26 -0.62 -4.58 -0.12
C THR A 26 -1.69 -5.64 -0.36
N GLY A 27 -2.21 -5.68 -1.58
CA GLY A 27 -3.24 -6.64 -1.91
C GLY A 27 -2.73 -8.07 -1.87
N VAL A 28 -1.47 -8.26 -2.23
CA VAL A 28 -0.86 -9.58 -2.23
C VAL A 28 -0.96 -10.23 -0.86
N LEU A 29 -0.58 -9.49 0.18
CA LEU A 29 -0.62 -9.99 1.54
C LEU A 29 -2.05 -9.99 2.08
N CYS A 30 -2.86 -9.06 1.59
CA CYS A 30 -4.25 -8.94 2.02
C CYS A 30 -4.96 -10.30 1.92
N HIS A 31 -4.59 -11.07 0.91
CA HIS A 31 -5.19 -12.39 0.69
C HIS A 31 -4.96 -13.29 1.90
N ARG A 32 -3.81 -13.13 2.54
CA ARG A 32 -3.47 -13.95 3.71
C ARG A 32 -3.90 -13.24 4.99
N PHE A 33 -3.82 -11.91 4.99
CA PHE A 33 -4.21 -11.13 6.15
C PHE A 33 -5.67 -11.39 6.53
N HIS A 34 -6.50 -11.62 5.53
CA HIS A 34 -7.92 -11.89 5.74
C HIS A 34 -8.10 -12.97 6.80
N GLY A 35 -7.22 -13.95 6.80
CA GLY A 35 -7.30 -15.04 7.76
C GLY A 35 -6.76 -14.66 9.12
N LEU A 36 -5.73 -13.81 9.12
CA LEU A 36 -5.11 -13.37 10.37
C LEU A 36 -6.13 -12.72 11.29
N TRP A 37 -7.20 -12.19 10.70
CA TRP A 37 -8.26 -11.54 11.47
C TRP A 37 -8.67 -12.41 12.65
N TYR A 38 -8.78 -13.71 12.42
CA TYR A 38 -9.19 -14.64 13.46
C TYR A 38 -8.26 -14.54 14.66
N MET A 39 -6.97 -14.43 14.40
CA MET A 39 -5.98 -14.32 15.47
C MET A 39 -6.30 -13.13 16.38
N LYS A 40 -6.60 -11.99 15.78
CA LYS A 40 -6.92 -10.79 16.54
C LYS A 40 -8.00 -11.08 17.58
N MET A 41 -8.92 -11.97 17.25
CA MET A 41 -10.00 -12.34 18.14
C MET A 41 -9.46 -12.98 19.42
N MET A 42 -8.40 -13.78 19.27
CA MET A 42 -7.78 -14.44 20.41
C MET A 42 -7.46 -13.44 21.51
N TRP A 43 -7.14 -12.21 21.12
CA TRP A 43 -6.80 -11.16 22.08
C TRP A 43 -8.02 -10.78 22.92
N ALA A 44 -9.19 -10.75 22.27
CA ALA A 44 -10.42 -10.40 22.96
C ALA A 44 -10.96 -11.59 23.75
N TRP A 45 -10.90 -12.78 23.15
CA TRP A 45 -11.38 -13.99 23.81
C TRP A 45 -10.79 -14.13 25.20
N LEU A 46 -9.47 -14.25 25.27
CA LEU A 46 -8.77 -14.40 26.55
C LEU A 46 -9.11 -13.24 27.49
N GLN A 47 -9.04 -12.02 26.96
CA GLN A 47 -9.35 -10.83 27.75
C GLN A 47 -10.70 -10.97 28.44
N ALA A 48 -11.64 -11.62 27.76
CA ALA A 48 -12.98 -11.83 28.30
C ALA A 48 -13.00 -12.97 29.31
N LYS A 49 -12.20 -14.00 29.04
CA LYS A 49 -12.12 -15.16 29.93
C LYS A 49 -11.26 -14.85 31.15
N ARG A 50 -11.85 -14.99 32.33
CA ARG A 50 -11.13 -14.73 33.58
C ARG A 50 -10.57 -13.32 33.59
N MET A 1 26.69 18.94 -15.55
CA MET A 1 25.24 18.76 -15.43
C MET A 1 24.55 20.10 -15.27
N SER A 2 23.23 20.11 -15.37
CA SER A 2 22.44 21.32 -15.24
C SER A 2 21.08 21.04 -14.59
N VAL A 3 20.81 21.71 -13.48
CA VAL A 3 19.56 21.52 -12.77
C VAL A 3 18.45 22.40 -13.37
N SER A 4 17.32 21.78 -13.69
CA SER A 4 16.19 22.50 -14.27
C SER A 4 14.87 21.99 -13.71
N GLU A 5 13.81 22.78 -13.88
CA GLU A 5 12.50 22.41 -13.38
C GLU A 5 12.00 21.13 -14.06
N CYS A 6 12.25 21.02 -15.35
CA CYS A 6 11.84 19.85 -16.12
C CYS A 6 12.42 18.57 -15.52
N HIS A 7 13.69 18.62 -15.17
CA HIS A 7 14.37 17.47 -14.58
C HIS A 7 13.74 17.09 -13.24
N ARG A 8 13.45 18.10 -12.43
CA ARG A 8 12.84 17.88 -11.12
C ARG A 8 11.60 17.00 -11.23
N THR A 9 10.78 17.28 -12.24
CA THR A 9 9.56 16.52 -12.45
C THR A 9 9.84 15.02 -12.49
N ALA A 10 10.93 14.64 -13.16
CA ALA A 10 11.31 13.25 -13.26
C ALA A 10 11.54 12.63 -11.88
N LEU A 11 12.45 13.22 -11.11
CA LEU A 11 12.75 12.73 -9.77
C LEU A 11 11.48 12.54 -8.96
N VAL A 12 10.53 13.46 -9.13
CA VAL A 12 9.26 13.39 -8.42
C VAL A 12 8.36 12.30 -8.99
N SER A 13 8.45 12.11 -10.30
CA SER A 13 7.63 11.09 -10.98
C SER A 13 8.04 9.69 -10.54
N GLY A 14 9.31 9.51 -10.26
CA GLY A 14 9.81 8.21 -9.83
C GLY A 14 9.26 7.81 -8.48
N MET A 15 9.27 8.75 -7.54
CA MET A 15 8.76 8.48 -6.20
C MET A 15 7.24 8.52 -6.16
N CYS A 16 6.66 9.46 -6.89
CA CYS A 16 5.22 9.61 -6.95
C CYS A 16 4.56 8.37 -7.54
N CYS A 17 5.24 7.76 -8.51
CA CYS A 17 4.73 6.56 -9.17
C CYS A 17 4.98 5.32 -8.31
N ALA A 18 6.21 5.19 -7.83
CA ALA A 18 6.59 4.05 -7.01
C ALA A 18 5.63 3.88 -5.84
N LEU A 19 5.14 5.00 -5.31
CA LEU A 19 4.20 4.98 -4.19
C LEU A 19 2.92 4.24 -4.56
N PHE A 20 2.44 4.48 -5.78
CA PHE A 20 1.21 3.85 -6.25
C PHE A 20 1.38 2.33 -6.32
N LEU A 21 2.57 1.89 -6.74
CA LEU A 21 2.86 0.47 -6.85
C LEU A 21 2.76 -0.21 -5.49
N LEU A 22 3.12 0.51 -4.43
CA LEU A 22 3.08 -0.03 -3.08
C LEU A 22 1.66 -0.48 -2.73
N ILE A 23 0.68 0.26 -3.22
CA ILE A 23 -0.72 -0.07 -2.96
C ILE A 23 -1.11 -1.40 -3.61
N LEU A 24 -0.58 -1.64 -4.80
CA LEU A 24 -0.87 -2.88 -5.53
C LEU A 24 -0.32 -4.08 -4.77
N LEU A 25 0.90 -3.96 -4.26
CA LEU A 25 1.54 -5.04 -3.52
C LEU A 25 0.74 -5.39 -2.27
N THR A 26 0.29 -4.36 -1.56
CA THR A 26 -0.49 -4.55 -0.34
C THR A 26 -1.62 -5.54 -0.57
N GLY A 27 -2.25 -5.45 -1.73
CA GLY A 27 -3.35 -6.34 -2.06
C GLY A 27 -2.93 -7.79 -2.12
N VAL A 28 -1.68 -8.02 -2.56
CA VAL A 28 -1.16 -9.37 -2.68
C VAL A 28 -1.22 -10.10 -1.35
N LEU A 29 -0.75 -9.44 -0.30
CA LEU A 29 -0.75 -10.02 1.04
C LEU A 29 -2.16 -10.01 1.64
N CYS A 30 -2.94 -9.02 1.27
CA CYS A 30 -4.31 -8.88 1.76
C CYS A 30 -5.07 -10.20 1.61
N HIS A 31 -4.79 -10.91 0.52
CA HIS A 31 -5.45 -12.19 0.26
C HIS A 31 -5.16 -13.20 1.37
N ARG A 32 -3.94 -13.15 1.89
CA ARG A 32 -3.53 -14.06 2.95
C ARG A 32 -3.89 -13.49 4.33
N PHE A 33 -3.88 -12.17 4.43
CA PHE A 33 -4.21 -11.50 5.69
C PHE A 33 -5.61 -11.88 6.15
N HIS A 34 -6.49 -12.14 5.19
CA HIS A 34 -7.87 -12.52 5.51
C HIS A 34 -7.91 -13.65 6.53
N GLY A 35 -6.96 -14.57 6.42
CA GLY A 35 -6.89 -15.69 7.34
C GLY A 35 -6.42 -15.28 8.72
N LEU A 36 -5.54 -14.28 8.79
CA LEU A 36 -5.02 -13.80 10.06
C LEU A 36 -6.15 -13.37 10.98
N TRP A 37 -7.29 -13.01 10.39
CA TRP A 37 -8.45 -12.59 11.18
C TRP A 37 -8.74 -13.58 12.31
N TYR A 38 -9.04 -14.82 11.94
CA TYR A 38 -9.34 -15.85 12.93
C TYR A 38 -8.17 -16.05 13.88
N MET A 39 -6.96 -16.01 13.33
CA MET A 39 -5.75 -16.19 14.14
C MET A 39 -5.76 -15.24 15.33
N LYS A 40 -6.31 -14.04 15.14
CA LYS A 40 -6.37 -13.05 16.21
C LYS A 40 -7.24 -13.55 17.36
N MET A 41 -8.28 -14.31 17.03
CA MET A 41 -9.17 -14.85 18.04
C MET A 41 -8.41 -15.73 19.03
N MET A 42 -7.49 -16.52 18.52
CA MET A 42 -6.69 -17.41 19.36
C MET A 42 -6.06 -16.64 20.52
N TRP A 43 -5.71 -15.38 20.27
CA TRP A 43 -5.11 -14.54 21.30
C TRP A 43 -6.08 -14.27 22.44
N ALA A 44 -7.36 -14.14 22.10
CA ALA A 44 -8.39 -13.89 23.09
C ALA A 44 -8.86 -15.20 23.74
N TRP A 45 -8.88 -16.27 22.95
CA TRP A 45 -9.31 -17.57 23.44
C TRP A 45 -8.46 -18.00 24.63
N LEU A 46 -7.15 -18.14 24.41
CA LEU A 46 -6.24 -18.55 25.46
C LEU A 46 -6.41 -17.68 26.71
N GLN A 47 -6.61 -16.38 26.49
CA GLN A 47 -6.79 -15.45 27.59
C GLN A 47 -7.88 -15.93 28.54
N ALA A 48 -8.87 -16.64 28.00
CA ALA A 48 -9.97 -17.16 28.80
C ALA A 48 -9.46 -18.08 29.90
N LYS A 49 -8.35 -18.76 29.64
CA LYS A 49 -7.76 -19.67 30.60
C LYS A 49 -7.59 -19.00 31.95
N ARG A 50 -7.33 -19.80 32.98
CA ARG A 50 -7.14 -19.28 34.34
C ARG A 50 -5.69 -19.39 34.78
N MET A 1 24.99 17.80 -13.26
CA MET A 1 25.80 18.93 -13.67
C MET A 1 24.94 20.17 -13.92
N SER A 2 23.81 19.97 -14.59
CA SER A 2 22.90 21.08 -14.89
C SER A 2 21.81 21.18 -13.83
N VAL A 3 21.09 20.09 -13.62
CA VAL A 3 20.03 20.05 -12.62
C VAL A 3 19.04 21.19 -12.85
N SER A 4 18.10 20.99 -13.77
CA SER A 4 17.10 22.00 -14.07
C SER A 4 15.76 21.67 -13.42
N GLU A 5 14.80 22.58 -13.54
CA GLU A 5 13.49 22.37 -12.96
C GLU A 5 12.72 21.29 -13.70
N CYS A 6 12.86 21.27 -15.02
CA CYS A 6 12.19 20.28 -15.85
C CYS A 6 12.64 18.87 -15.49
N HIS A 7 13.96 18.67 -15.43
CA HIS A 7 14.52 17.37 -15.10
C HIS A 7 14.12 16.95 -13.69
N ARG A 8 14.26 17.87 -12.74
CA ARG A 8 13.91 17.58 -11.35
C ARG A 8 12.49 17.02 -11.25
N THR A 9 11.58 17.57 -12.04
CA THR A 9 10.20 17.12 -12.05
C THR A 9 10.10 15.62 -12.29
N ALA A 10 10.90 15.13 -13.24
CA ALA A 10 10.91 13.71 -13.56
C ALA A 10 11.35 12.87 -12.38
N LEU A 11 12.55 13.15 -11.87
CA LEU A 11 13.09 12.42 -10.73
C LEU A 11 12.09 12.37 -9.59
N VAL A 12 11.42 13.50 -9.36
CA VAL A 12 10.43 13.59 -8.29
C VAL A 12 9.16 12.82 -8.64
N SER A 13 8.84 12.79 -9.93
CA SER A 13 7.65 12.09 -10.40
C SER A 13 7.73 10.60 -10.06
N GLY A 14 8.94 10.06 -10.10
CA GLY A 14 9.14 8.65 -9.80
C GLY A 14 8.51 8.25 -8.47
N MET A 15 8.70 9.08 -7.46
CA MET A 15 8.15 8.81 -6.14
C MET A 15 6.63 8.71 -6.19
N CYS A 16 6.02 9.51 -7.04
CA CYS A 16 4.56 9.52 -7.19
C CYS A 16 4.08 8.18 -7.73
N CYS A 17 4.87 7.57 -8.61
CA CYS A 17 4.52 6.28 -9.19
C CYS A 17 4.78 5.14 -8.21
N ALA A 18 5.95 5.18 -7.58
CA ALA A 18 6.33 4.15 -6.62
C ALA A 18 5.25 3.98 -5.54
N LEU A 19 4.62 5.08 -5.17
CA LEU A 19 3.57 5.06 -4.16
C LEU A 19 2.40 4.19 -4.60
N PHE A 20 2.09 4.24 -5.88
CA PHE A 20 0.99 3.45 -6.44
C PHE A 20 1.29 1.96 -6.37
N LEU A 21 2.55 1.61 -6.62
CA LEU A 21 2.97 0.22 -6.59
C LEU A 21 2.77 -0.38 -5.19
N LEU A 22 2.94 0.45 -4.17
CA LEU A 22 2.77 0.02 -2.79
C LEU A 22 1.37 -0.55 -2.56
N ILE A 23 0.38 0.05 -3.23
CA ILE A 23 -1.00 -0.40 -3.10
C ILE A 23 -1.20 -1.78 -3.72
N LEU A 24 -0.50 -2.03 -4.82
CA LEU A 24 -0.60 -3.31 -5.52
C LEU A 24 0.00 -4.43 -4.66
N LEU A 25 1.12 -4.15 -4.01
CA LEU A 25 1.77 -5.13 -3.15
C LEU A 25 0.88 -5.53 -1.98
N THR A 26 0.26 -4.53 -1.36
CA THR A 26 -0.62 -4.77 -0.22
C THR A 26 -1.65 -5.85 -0.55
N GLY A 27 -2.07 -5.89 -1.80
CA GLY A 27 -3.05 -6.88 -2.22
C GLY A 27 -2.50 -8.29 -2.22
N VAL A 28 -1.21 -8.41 -2.53
CA VAL A 28 -0.54 -9.71 -2.57
C VAL A 28 -0.70 -10.44 -1.23
N LEU A 29 -0.46 -9.72 -0.14
CA LEU A 29 -0.57 -10.30 1.19
C LEU A 29 -2.03 -10.42 1.62
N CYS A 30 -2.86 -9.50 1.14
CA CYS A 30 -4.28 -9.51 1.46
C CYS A 30 -4.88 -10.88 1.23
N HIS A 31 -4.41 -11.57 0.20
CA HIS A 31 -4.91 -12.90 -0.14
C HIS A 31 -4.36 -13.94 0.83
N ARG A 32 -3.11 -13.75 1.25
CA ARG A 32 -2.48 -14.68 2.19
C ARG A 32 -3.06 -14.53 3.58
N PHE A 33 -3.48 -13.31 3.92
CA PHE A 33 -4.06 -13.04 5.24
C PHE A 33 -5.58 -13.14 5.20
N HIS A 34 -6.09 -13.99 4.30
CA HIS A 34 -7.51 -14.18 4.16
C HIS A 34 -8.14 -14.65 5.47
N GLY A 35 -7.38 -15.43 6.23
CA GLY A 35 -7.86 -15.93 7.50
C GLY A 35 -8.38 -14.84 8.40
N LEU A 36 -7.73 -13.67 8.33
CA LEU A 36 -8.14 -12.54 9.16
C LEU A 36 -9.57 -12.14 8.87
N TRP A 37 -10.08 -12.54 7.71
CA TRP A 37 -11.45 -12.23 7.31
C TRP A 37 -12.42 -12.50 8.47
N TYR A 38 -12.57 -13.77 8.82
CA TYR A 38 -13.47 -14.16 9.90
C TYR A 38 -12.96 -13.64 11.25
N MET A 39 -11.64 -13.60 11.39
CA MET A 39 -11.02 -13.12 12.63
C MET A 39 -11.61 -11.78 13.04
N LYS A 40 -11.63 -10.83 12.11
CA LYS A 40 -12.16 -9.50 12.37
C LYS A 40 -13.56 -9.58 12.98
N MET A 41 -14.41 -10.42 12.40
CA MET A 41 -15.77 -10.60 12.89
C MET A 41 -15.77 -10.86 14.39
N MET A 42 -14.78 -11.58 14.87
CA MET A 42 -14.67 -11.89 16.29
C MET A 42 -14.78 -10.63 17.14
N TRP A 43 -14.26 -9.53 16.61
CA TRP A 43 -14.30 -8.25 17.32
C TRP A 43 -15.74 -7.76 17.48
N ALA A 44 -16.56 -8.00 16.47
CA ALA A 44 -17.96 -7.59 16.50
C ALA A 44 -18.81 -8.61 17.25
N TRP A 45 -18.46 -9.89 17.11
CA TRP A 45 -19.20 -10.96 17.77
C TRP A 45 -19.28 -10.72 19.27
N LEU A 46 -18.12 -10.67 19.92
CA LEU A 46 -18.05 -10.45 21.36
C LEU A 46 -18.84 -9.21 21.76
N GLN A 47 -18.82 -8.20 20.90
CA GLN A 47 -19.54 -6.95 21.17
C GLN A 47 -21.05 -7.16 21.01
N ALA A 48 -21.43 -8.06 20.11
CA ALA A 48 -22.83 -8.34 19.87
C ALA A 48 -23.40 -9.25 20.95
N LYS A 49 -22.58 -10.18 21.43
CA LYS A 49 -23.00 -11.12 22.47
C LYS A 49 -23.47 -10.37 23.71
N ARG A 50 -22.55 -9.69 24.38
CA ARG A 50 -22.87 -8.93 25.58
C ARG A 50 -23.44 -9.86 26.66
N MET A 1 19.77 31.32 -17.32
CA MET A 1 18.35 31.58 -17.25
C MET A 1 17.54 30.41 -17.79
N SER A 2 17.97 29.19 -17.44
CA SER A 2 17.29 27.99 -17.90
C SER A 2 16.46 27.38 -16.77
N VAL A 3 15.26 26.91 -17.11
CA VAL A 3 14.37 26.31 -16.13
C VAL A 3 15.03 25.12 -15.44
N SER A 4 14.83 25.00 -14.13
CA SER A 4 15.41 23.91 -13.36
C SER A 4 14.32 23.04 -12.75
N GLU A 5 13.23 23.68 -12.34
CA GLU A 5 12.11 22.95 -11.74
C GLU A 5 11.67 21.79 -12.62
N CYS A 6 11.72 21.99 -13.93
CA CYS A 6 11.33 20.97 -14.89
C CYS A 6 12.06 19.65 -14.60
N HIS A 7 13.32 19.76 -14.17
CA HIS A 7 14.12 18.59 -13.87
C HIS A 7 13.57 17.86 -12.65
N ARG A 8 13.23 18.62 -11.61
CA ARG A 8 12.70 18.04 -10.38
C ARG A 8 11.50 17.14 -10.67
N THR A 9 10.60 17.64 -11.52
CA THR A 9 9.40 16.88 -11.88
C THR A 9 9.76 15.47 -12.33
N ALA A 10 10.89 15.33 -13.01
CA ALA A 10 11.35 14.03 -13.48
C ALA A 10 11.75 13.13 -12.32
N LEU A 11 12.70 13.58 -11.52
CA LEU A 11 13.17 12.81 -10.38
C LEU A 11 12.00 12.35 -9.51
N VAL A 12 10.99 13.22 -9.39
CA VAL A 12 9.81 12.90 -8.59
C VAL A 12 8.88 11.95 -9.34
N SER A 13 8.84 12.08 -10.66
CA SER A 13 8.00 11.23 -11.49
C SER A 13 8.22 9.76 -11.17
N GLY A 14 9.46 9.42 -10.84
CA GLY A 14 9.80 8.04 -10.51
C GLY A 14 9.24 7.62 -9.17
N MET A 15 9.40 8.48 -8.16
CA MET A 15 8.92 8.19 -6.82
C MET A 15 7.40 8.19 -6.78
N CYS A 16 6.79 9.07 -7.57
CA CYS A 16 5.33 9.18 -7.61
C CYS A 16 4.71 7.86 -8.07
N CYS A 17 5.39 7.17 -8.98
CA CYS A 17 4.91 5.91 -9.50
C CYS A 17 5.11 4.78 -8.49
N ALA A 18 6.29 4.76 -7.88
CA ALA A 18 6.62 3.74 -6.89
C ALA A 18 5.58 3.69 -5.78
N LEU A 19 5.05 4.85 -5.42
CA LEU A 19 4.03 4.94 -4.38
C LEU A 19 2.78 4.16 -4.76
N PHE A 20 2.43 4.21 -6.03
CA PHE A 20 1.25 3.51 -6.52
C PHE A 20 1.43 1.99 -6.40
N LEU A 21 2.64 1.53 -6.68
CA LEU A 21 2.95 0.10 -6.60
C LEU A 21 2.75 -0.42 -5.19
N LEU A 22 3.02 0.43 -4.20
CA LEU A 22 2.86 0.05 -2.80
C LEU A 22 1.43 -0.38 -2.50
N ILE A 23 0.48 0.28 -3.15
CA ILE A 23 -0.93 -0.04 -2.96
C ILE A 23 -1.26 -1.42 -3.54
N LEU A 24 -0.64 -1.75 -4.66
CA LEU A 24 -0.88 -3.04 -5.31
C LEU A 24 -0.36 -4.18 -4.45
N LEU A 25 0.79 -3.97 -3.81
CA LEU A 25 1.39 -4.99 -2.95
C LEU A 25 0.51 -5.25 -1.74
N THR A 26 0.02 -4.19 -1.13
CA THR A 26 -0.83 -4.31 0.05
C THR A 26 -1.95 -5.31 -0.18
N GLY A 27 -2.57 -5.24 -1.35
CA GLY A 27 -3.66 -6.15 -1.68
C GLY A 27 -3.22 -7.60 -1.62
N VAL A 28 -1.95 -7.86 -1.95
CA VAL A 28 -1.42 -9.21 -1.94
C VAL A 28 -1.58 -9.85 -0.56
N LEU A 29 -1.20 -9.11 0.48
CA LEU A 29 -1.30 -9.60 1.85
C LEU A 29 -2.74 -9.55 2.34
N CYS A 30 -3.50 -8.59 1.84
CA CYS A 30 -4.90 -8.45 2.23
C CYS A 30 -5.65 -9.77 2.12
N HIS A 31 -5.28 -10.56 1.11
CA HIS A 31 -5.92 -11.86 0.90
C HIS A 31 -5.53 -12.84 2.00
N ARG A 32 -4.28 -12.78 2.43
CA ARG A 32 -3.79 -13.67 3.48
C ARG A 32 -4.29 -13.22 4.85
N PHE A 33 -4.49 -11.91 4.99
CA PHE A 33 -4.97 -11.35 6.26
C PHE A 33 -6.49 -11.20 6.25
N HIS A 34 -7.15 -12.07 5.49
CA HIS A 34 -8.61 -12.03 5.39
C HIS A 34 -9.25 -12.05 6.77
N GLY A 35 -8.62 -12.75 7.71
CA GLY A 35 -9.14 -12.84 9.05
C GLY A 35 -9.55 -11.48 9.60
N LEU A 36 -8.74 -10.47 9.31
CA LEU A 36 -9.02 -9.11 9.78
C LEU A 36 -9.95 -8.38 8.82
N TRP A 37 -9.92 -8.78 7.55
CA TRP A 37 -10.76 -8.17 6.53
C TRP A 37 -12.21 -8.07 7.02
N TYR A 38 -12.63 -9.05 7.80
CA TYR A 38 -14.00 -9.08 8.33
C TYR A 38 -14.31 -7.80 9.10
N MET A 39 -13.33 -7.32 9.87
CA MET A 39 -13.49 -6.11 10.66
C MET A 39 -13.78 -4.91 9.77
N LYS A 40 -13.15 -4.90 8.60
CA LYS A 40 -13.34 -3.81 7.64
C LYS A 40 -14.64 -3.98 6.87
N MET A 41 -15.00 -5.22 6.59
CA MET A 41 -16.22 -5.52 5.86
C MET A 41 -17.41 -4.79 6.46
N MET A 42 -17.38 -4.60 7.78
CA MET A 42 -18.45 -3.91 8.48
C MET A 42 -18.76 -2.57 7.82
N TRP A 43 -17.72 -1.92 7.31
CA TRP A 43 -17.88 -0.62 6.66
C TRP A 43 -18.72 -0.75 5.41
N ALA A 44 -18.56 -1.86 4.70
CA ALA A 44 -19.32 -2.11 3.47
C ALA A 44 -20.70 -2.69 3.78
N TRP A 45 -20.76 -3.53 4.81
CA TRP A 45 -22.02 -4.15 5.20
C TRP A 45 -23.10 -3.10 5.45
N LEU A 46 -22.84 -2.21 6.40
CA LEU A 46 -23.79 -1.15 6.72
C LEU A 46 -24.22 -0.40 5.47
N GLN A 47 -23.28 -0.23 4.54
CA GLN A 47 -23.55 0.48 3.30
C GLN A 47 -24.43 -0.36 2.37
N ALA A 48 -24.26 -1.68 2.45
CA ALA A 48 -25.04 -2.59 1.62
C ALA A 48 -26.44 -2.79 2.18
N LYS A 49 -26.54 -2.81 3.50
CA LYS A 49 -27.83 -2.99 4.17
C LYS A 49 -28.59 -1.66 4.25
N ARG A 50 -28.10 -0.75 5.09
CA ARG A 50 -28.74 0.54 5.26
C ARG A 50 -28.50 1.43 4.04
N MET A 1 24.68 18.37 -12.51
CA MET A 1 24.03 19.59 -12.06
C MET A 1 22.51 19.50 -12.24
N SER A 2 22.08 19.10 -13.44
CA SER A 2 20.67 18.98 -13.74
C SER A 2 19.94 20.29 -13.48
N VAL A 3 20.58 21.40 -13.82
CA VAL A 3 19.99 22.72 -13.63
C VAL A 3 18.58 22.79 -14.22
N SER A 4 18.37 22.04 -15.30
CA SER A 4 17.07 22.02 -15.95
C SER A 4 15.96 21.66 -14.96
N GLU A 5 14.97 22.53 -14.85
CA GLU A 5 13.84 22.29 -13.94
C GLU A 5 13.06 21.05 -14.35
N CYS A 6 12.92 20.86 -15.66
CA CYS A 6 12.19 19.71 -16.19
C CYS A 6 12.70 18.41 -15.57
N HIS A 7 14.02 18.28 -15.48
CA HIS A 7 14.64 17.09 -14.91
C HIS A 7 14.07 16.79 -13.54
N ARG A 8 13.99 17.82 -12.69
CA ARG A 8 13.46 17.65 -11.34
C ARG A 8 12.10 16.96 -11.37
N THR A 9 11.29 17.30 -12.35
CA THR A 9 9.96 16.71 -12.49
C THR A 9 10.04 15.19 -12.55
N ALA A 10 11.09 14.68 -13.18
CA ALA A 10 11.28 13.24 -13.31
C ALA A 10 11.54 12.60 -11.95
N LEU A 11 12.55 13.10 -11.25
CA LEU A 11 12.90 12.57 -9.94
C LEU A 11 11.68 12.52 -9.02
N VAL A 12 10.83 13.54 -9.13
CA VAL A 12 9.62 13.61 -8.32
C VAL A 12 8.55 12.67 -8.85
N SER A 13 8.50 12.50 -10.17
CA SER A 13 7.52 11.64 -10.80
C SER A 13 7.80 10.17 -10.46
N GLY A 14 9.08 9.83 -10.33
CA GLY A 14 9.45 8.47 -10.01
C GLY A 14 8.91 8.02 -8.66
N MET A 15 8.96 8.92 -7.68
CA MET A 15 8.47 8.61 -6.34
C MET A 15 6.95 8.60 -6.30
N CYS A 16 6.34 9.51 -7.05
CA CYS A 16 4.89 9.61 -7.10
C CYS A 16 4.27 8.32 -7.61
N CYS A 17 4.96 7.66 -8.54
CA CYS A 17 4.48 6.41 -9.11
C CYS A 17 4.74 5.24 -8.17
N ALA A 18 5.96 5.20 -7.63
CA ALA A 18 6.35 4.14 -6.71
C ALA A 18 5.35 4.02 -5.55
N LEU A 19 4.82 5.16 -5.12
CA LEU A 19 3.86 5.19 -4.02
C LEU A 19 2.60 4.41 -4.38
N PHE A 20 2.18 4.52 -5.63
CA PHE A 20 1.00 3.82 -6.10
C PHE A 20 1.19 2.31 -6.06
N LEU A 21 2.39 1.87 -6.44
CA LEU A 21 2.71 0.45 -6.45
C LEU A 21 2.59 -0.15 -5.06
N LEU A 22 2.89 0.65 -4.03
CA LEU A 22 2.80 0.20 -2.65
C LEU A 22 1.38 -0.26 -2.32
N ILE A 23 0.40 0.41 -2.90
CA ILE A 23 -1.00 0.07 -2.66
C ILE A 23 -1.36 -1.24 -3.35
N LEU A 24 -0.74 -1.50 -4.49
CA LEU A 24 -1.01 -2.73 -5.24
C LEU A 24 -0.27 -3.91 -4.63
N LEU A 25 0.97 -3.67 -4.21
CA LEU A 25 1.78 -4.71 -3.60
C LEU A 25 1.03 -5.41 -2.48
N THR A 26 0.32 -4.62 -1.67
CA THR A 26 -0.45 -5.15 -0.56
C THR A 26 -1.31 -6.32 -1.00
N GLY A 27 -1.76 -6.30 -2.25
CA GLY A 27 -2.58 -7.36 -2.77
C GLY A 27 -1.79 -8.64 -3.03
N VAL A 28 -0.56 -8.48 -3.50
CA VAL A 28 0.30 -9.62 -3.79
C VAL A 28 0.39 -10.57 -2.59
N LEU A 29 0.64 -10.00 -1.42
CA LEU A 29 0.76 -10.79 -0.20
C LEU A 29 -0.62 -11.27 0.26
N CYS A 30 -1.63 -10.44 0.04
CA CYS A 30 -3.00 -10.78 0.43
C CYS A 30 -3.39 -12.16 -0.09
N HIS A 31 -2.92 -12.48 -1.30
CA HIS A 31 -3.23 -13.77 -1.92
C HIS A 31 -2.56 -14.91 -1.15
N ARG A 32 -1.36 -14.64 -0.63
CA ARG A 32 -0.61 -15.64 0.13
C ARG A 32 -1.15 -15.75 1.55
N PHE A 33 -1.60 -14.64 2.11
CA PHE A 33 -2.14 -14.61 3.46
C PHE A 33 -3.66 -14.61 3.45
N HIS A 34 -4.23 -15.20 2.40
CA HIS A 34 -5.68 -15.28 2.28
C HIS A 34 -6.30 -16.03 3.45
N GLY A 35 -5.59 -17.04 3.94
CA GLY A 35 -6.08 -17.83 5.05
C GLY A 35 -5.85 -17.15 6.39
N LEU A 36 -4.64 -16.64 6.59
CA LEU A 36 -4.29 -15.97 7.84
C LEU A 36 -5.15 -14.72 8.04
N TRP A 37 -5.55 -14.11 6.94
CA TRP A 37 -6.38 -12.90 6.99
C TRP A 37 -7.56 -13.11 7.92
N TYR A 38 -8.41 -14.07 7.59
CA TYR A 38 -9.59 -14.36 8.40
C TYR A 38 -9.19 -14.76 9.82
N MET A 39 -8.07 -15.47 9.93
CA MET A 39 -7.58 -15.92 11.23
C MET A 39 -7.29 -14.73 12.14
N LYS A 40 -6.66 -13.70 11.58
CA LYS A 40 -6.32 -12.51 12.34
C LYS A 40 -7.57 -11.69 12.65
N MET A 41 -8.51 -11.67 11.70
CA MET A 41 -9.75 -10.92 11.87
C MET A 41 -10.61 -11.55 12.96
N MET A 42 -10.58 -12.88 13.04
CA MET A 42 -11.37 -13.61 14.03
C MET A 42 -11.12 -13.05 15.43
N TRP A 43 -9.86 -12.75 15.73
CA TRP A 43 -9.50 -12.22 17.04
C TRP A 43 -10.15 -10.86 17.27
N ALA A 44 -10.20 -10.04 16.22
CA ALA A 44 -10.80 -8.72 16.31
C ALA A 44 -12.32 -8.81 16.42
N TRP A 45 -12.89 -9.78 15.73
CA TRP A 45 -14.33 -9.98 15.74
C TRP A 45 -14.81 -10.39 17.13
N LEU A 46 -14.35 -11.54 17.59
CA LEU A 46 -14.73 -12.05 18.90
C LEU A 46 -14.41 -11.04 20.00
N GLN A 47 -13.30 -10.32 19.82
CA GLN A 47 -12.88 -9.32 20.80
C GLN A 47 -14.01 -8.35 21.10
N ALA A 48 -14.76 -7.99 20.07
CA ALA A 48 -15.89 -7.06 20.23
C ALA A 48 -17.02 -7.71 21.00
N LYS A 49 -17.22 -9.01 20.78
CA LYS A 49 -18.28 -9.75 21.46
C LYS A 49 -18.00 -9.85 22.96
N ARG A 50 -16.82 -10.34 23.30
CA ARG A 50 -16.42 -10.49 24.70
C ARG A 50 -16.08 -9.14 25.31
N MET A 1 20.65 19.49 -8.05
CA MET A 1 20.89 18.20 -8.69
C MET A 1 21.01 18.37 -10.21
N SER A 2 19.98 18.94 -10.81
CA SER A 2 19.97 19.16 -12.26
C SER A 2 19.49 20.56 -12.60
N VAL A 3 20.35 21.32 -13.28
CA VAL A 3 20.01 22.69 -13.67
C VAL A 3 18.68 22.73 -14.41
N SER A 4 18.40 21.70 -15.19
CA SER A 4 17.17 21.63 -15.95
C SER A 4 15.99 21.27 -15.05
N GLU A 5 15.09 22.22 -14.84
CA GLU A 5 13.93 22.01 -14.00
C GLU A 5 13.17 20.76 -14.42
N CYS A 6 13.14 20.51 -15.73
CA CYS A 6 12.45 19.34 -16.27
C CYS A 6 12.91 18.07 -15.57
N HIS A 7 14.21 17.92 -15.41
CA HIS A 7 14.78 16.75 -14.75
C HIS A 7 14.13 16.51 -13.40
N ARG A 8 13.99 17.58 -12.62
CA ARG A 8 13.38 17.51 -11.29
C ARG A 8 12.02 16.81 -11.36
N THR A 9 11.27 17.09 -12.42
CA THR A 9 9.96 16.49 -12.61
C THR A 9 10.04 14.97 -12.58
N ALA A 10 11.13 14.42 -13.12
CA ALA A 10 11.32 12.98 -13.15
C ALA A 10 11.47 12.42 -11.74
N LEU A 11 12.44 12.94 -11.00
CA LEU A 11 12.69 12.48 -9.63
C LEU A 11 11.41 12.50 -8.82
N VAL A 12 10.57 13.51 -9.04
CA VAL A 12 9.31 13.63 -8.32
C VAL A 12 8.26 12.68 -8.89
N SER A 13 8.32 12.47 -10.20
CA SER A 13 7.37 11.59 -10.87
C SER A 13 7.61 10.13 -10.48
N GLY A 14 8.88 9.79 -10.25
CA GLY A 14 9.21 8.44 -9.87
C GLY A 14 8.74 8.08 -8.47
N MET A 15 8.83 9.04 -7.55
CA MET A 15 8.40 8.83 -6.17
C MET A 15 6.88 8.82 -6.08
N CYS A 16 6.24 9.72 -6.82
CA CYS A 16 4.78 9.82 -6.80
C CYS A 16 4.15 8.56 -7.39
N CYS A 17 4.81 7.99 -8.40
CA CYS A 17 4.31 6.78 -9.06
C CYS A 17 4.64 5.55 -8.23
N ALA A 18 5.89 5.46 -7.80
CA ALA A 18 6.34 4.32 -7.01
C ALA A 18 5.43 4.10 -5.79
N LEU A 19 4.92 5.19 -5.23
CA LEU A 19 4.04 5.11 -4.07
C LEU A 19 2.76 4.35 -4.41
N PHE A 20 2.27 4.54 -5.63
CA PHE A 20 1.06 3.87 -6.08
C PHE A 20 1.27 2.36 -6.18
N LEU A 21 2.45 1.98 -6.65
CA LEU A 21 2.80 0.56 -6.81
C LEU A 21 2.77 -0.15 -5.46
N LEU A 22 3.13 0.57 -4.41
CA LEU A 22 3.14 0.00 -3.06
C LEU A 22 1.76 -0.51 -2.67
N ILE A 23 0.72 0.19 -3.12
CA ILE A 23 -0.65 -0.20 -2.83
C ILE A 23 -1.02 -1.50 -3.54
N LEU A 24 -0.51 -1.67 -4.75
CA LEU A 24 -0.78 -2.87 -5.54
C LEU A 24 -0.14 -4.09 -4.90
N LEU A 25 1.08 -3.92 -4.41
CA LEU A 25 1.82 -5.02 -3.78
C LEU A 25 1.09 -5.50 -2.52
N THR A 26 0.64 -4.55 -1.70
CA THR A 26 -0.07 -4.87 -0.47
C THR A 26 -1.20 -5.86 -0.73
N GLY A 27 -1.83 -5.74 -1.89
CA GLY A 27 -2.92 -6.62 -2.25
C GLY A 27 -2.46 -8.05 -2.49
N VAL A 28 -1.25 -8.18 -3.02
CA VAL A 28 -0.68 -9.50 -3.29
C VAL A 28 -0.70 -10.38 -2.06
N LEU A 29 -0.19 -9.85 -0.96
CA LEU A 29 -0.15 -10.59 0.30
C LEU A 29 -1.55 -10.73 0.91
N CYS A 30 -2.39 -9.72 0.67
CA CYS A 30 -3.75 -9.74 1.18
C CYS A 30 -4.44 -11.06 0.86
N HIS A 31 -4.16 -11.60 -0.33
CA HIS A 31 -4.75 -12.86 -0.76
C HIS A 31 -4.38 -13.99 0.18
N ARG A 32 -3.15 -13.96 0.68
CA ARG A 32 -2.66 -14.99 1.60
C ARG A 32 -3.05 -14.66 3.03
N PHE A 33 -3.14 -13.36 3.33
CA PHE A 33 -3.50 -12.92 4.67
C PHE A 33 -5.00 -12.66 4.78
N HIS A 34 -5.78 -13.39 3.98
CA HIS A 34 -7.23 -13.24 3.98
C HIS A 34 -7.83 -13.76 5.29
N GLY A 35 -7.16 -14.74 5.89
CA GLY A 35 -7.64 -15.31 7.14
C GLY A 35 -7.93 -14.25 8.18
N LEU A 36 -7.17 -13.16 8.14
CA LEU A 36 -7.36 -12.07 9.10
C LEU A 36 -8.77 -11.51 9.03
N TRP A 37 -9.39 -11.65 7.86
CA TRP A 37 -10.75 -11.16 7.65
C TRP A 37 -11.66 -11.57 8.81
N TYR A 38 -11.62 -12.85 9.15
CA TYR A 38 -12.44 -13.39 10.24
C TYR A 38 -12.21 -12.60 11.52
N MET A 39 -10.96 -12.22 11.77
CA MET A 39 -10.60 -11.46 12.97
C MET A 39 -11.40 -10.17 13.04
N LYS A 40 -11.46 -9.45 11.92
CA LYS A 40 -12.20 -8.19 11.86
C LYS A 40 -13.62 -8.36 12.39
N MET A 41 -14.20 -9.54 12.14
CA MET A 41 -15.56 -9.83 12.59
C MET A 41 -15.65 -9.75 14.11
N MET A 42 -14.58 -10.17 14.79
CA MET A 42 -14.55 -10.15 16.25
C MET A 42 -14.93 -8.77 16.78
N TRP A 43 -14.57 -7.73 16.04
CA TRP A 43 -14.87 -6.37 16.43
C TRP A 43 -16.39 -6.12 16.44
N ALA A 44 -17.08 -6.72 15.48
CA ALA A 44 -18.53 -6.56 15.37
C ALA A 44 -19.24 -7.51 16.33
N TRP A 45 -18.75 -8.73 16.44
CA TRP A 45 -19.35 -9.73 17.31
C TRP A 45 -19.53 -9.17 18.72
N LEU A 46 -18.43 -8.80 19.37
CA LEU A 46 -18.47 -8.25 20.71
C LEU A 46 -19.42 -7.06 20.78
N GLN A 47 -19.48 -6.28 19.70
CA GLN A 47 -20.36 -5.13 19.65
C GLN A 47 -21.78 -5.49 20.05
N ALA A 48 -22.18 -6.72 19.73
CA ALA A 48 -23.52 -7.20 20.06
C ALA A 48 -23.69 -7.37 21.56
N LYS A 49 -22.62 -7.82 22.22
CA LYS A 49 -22.65 -8.03 23.66
C LYS A 49 -23.99 -8.61 24.10
N ARG A 50 -24.50 -9.57 23.33
CA ARG A 50 -25.78 -10.21 23.64
C ARG A 50 -25.62 -11.17 24.81
N MET A 1 27.14 21.71 -9.50
CA MET A 1 26.19 21.09 -10.41
C MET A 1 24.98 21.98 -10.65
N SER A 2 24.26 21.72 -11.73
CA SER A 2 23.09 22.51 -12.08
C SER A 2 21.88 21.61 -12.32
N VAL A 3 20.84 21.80 -11.50
CA VAL A 3 19.62 21.01 -11.61
C VAL A 3 18.63 21.66 -12.57
N SER A 4 18.14 20.88 -13.53
CA SER A 4 17.18 21.39 -14.51
C SER A 4 15.76 21.17 -14.04
N GLU A 5 14.89 22.15 -14.28
CA GLU A 5 13.49 22.07 -13.87
C GLU A 5 12.84 20.82 -14.47
N CYS A 6 13.07 20.60 -15.75
CA CYS A 6 12.49 19.45 -16.44
C CYS A 6 12.92 18.14 -15.79
N HIS A 7 14.19 18.09 -15.36
CA HIS A 7 14.72 16.90 -14.71
C HIS A 7 14.06 16.68 -13.35
N ARG A 8 13.91 17.75 -12.59
CA ARG A 8 13.30 17.67 -11.27
C ARG A 8 11.94 16.97 -11.34
N THR A 9 11.19 17.27 -12.39
CA THR A 9 9.87 16.67 -12.58
C THR A 9 9.95 15.15 -12.58
N ALA A 10 10.91 14.62 -13.34
CA ALA A 10 11.09 13.17 -13.43
C ALA A 10 11.46 12.58 -12.07
N LEU A 11 12.47 13.16 -11.43
CA LEU A 11 12.92 12.69 -10.13
C LEU A 11 11.76 12.60 -9.15
N VAL A 12 10.85 13.57 -9.23
CA VAL A 12 9.67 13.59 -8.36
C VAL A 12 8.61 12.61 -8.83
N SER A 13 8.49 12.47 -10.15
CA SER A 13 7.50 11.57 -10.74
C SER A 13 7.76 10.13 -10.31
N GLY A 14 9.04 9.79 -10.14
CA GLY A 14 9.40 8.44 -9.73
C GLY A 14 8.76 8.05 -8.41
N MET A 15 9.08 8.80 -7.36
CA MET A 15 8.54 8.52 -6.04
C MET A 15 7.01 8.58 -6.04
N CYS A 16 6.47 9.50 -6.84
CA CYS A 16 5.02 9.65 -6.94
C CYS A 16 4.38 8.40 -7.52
N CYS A 17 5.07 7.75 -8.45
CA CYS A 17 4.57 6.54 -9.09
C CYS A 17 4.80 5.32 -8.18
N ALA A 18 6.01 5.20 -7.66
CA ALA A 18 6.36 4.08 -6.79
C ALA A 18 5.36 3.95 -5.65
N LEU A 19 4.86 5.08 -5.17
CA LEU A 19 3.90 5.09 -4.08
C LEU A 19 2.62 4.36 -4.47
N PHE A 20 2.19 4.55 -5.71
CA PHE A 20 0.98 3.90 -6.21
C PHE A 20 1.15 2.39 -6.22
N LEU A 21 2.34 1.93 -6.57
CA LEU A 21 2.63 0.50 -6.62
C LEU A 21 2.48 -0.14 -5.24
N LEU A 22 2.81 0.63 -4.21
CA LEU A 22 2.72 0.14 -2.84
C LEU A 22 1.29 -0.29 -2.50
N ILE A 23 0.32 0.42 -3.07
CA ILE A 23 -1.08 0.12 -2.84
C ILE A 23 -1.47 -1.22 -3.49
N LEU A 24 -0.80 -1.54 -4.59
CA LEU A 24 -1.07 -2.78 -5.31
C LEU A 24 -0.31 -3.95 -4.69
N LEU A 25 0.97 -3.72 -4.39
CA LEU A 25 1.81 -4.75 -3.80
C LEU A 25 1.14 -5.35 -2.56
N THR A 26 0.52 -4.49 -1.76
CA THR A 26 -0.16 -4.94 -0.55
C THR A 26 -1.09 -6.12 -0.84
N GLY A 27 -1.64 -6.16 -2.05
CA GLY A 27 -2.53 -7.24 -2.42
C GLY A 27 -1.79 -8.55 -2.62
N VAL A 28 -0.58 -8.48 -3.16
CA VAL A 28 0.23 -9.66 -3.40
C VAL A 28 0.46 -10.44 -2.11
N LEU A 29 0.96 -9.77 -1.09
CA LEU A 29 1.21 -10.40 0.20
C LEU A 29 -0.09 -10.70 0.93
N CYS A 30 -1.10 -9.86 0.71
CA CYS A 30 -2.40 -10.05 1.34
C CYS A 30 -2.90 -11.48 1.16
N HIS A 31 -2.88 -11.95 -0.08
CA HIS A 31 -3.33 -13.30 -0.39
C HIS A 31 -2.60 -14.33 0.48
N ARG A 32 -1.34 -14.07 0.76
CA ARG A 32 -0.53 -14.97 1.58
C ARG A 32 -0.83 -14.77 3.07
N PHE A 33 -1.17 -13.53 3.44
CA PHE A 33 -1.48 -13.21 4.82
C PHE A 33 -2.99 -13.28 5.08
N HIS A 34 -3.67 -14.15 4.31
CA HIS A 34 -5.11 -14.32 4.46
C HIS A 34 -5.49 -14.54 5.92
N GLY A 35 -4.60 -15.19 6.67
CA GLY A 35 -4.86 -15.45 8.07
C GLY A 35 -5.36 -14.23 8.80
N LEU A 36 -4.85 -13.06 8.44
CA LEU A 36 -5.24 -11.81 9.08
C LEU A 36 -6.47 -11.23 8.40
N TRP A 37 -6.63 -11.53 7.11
CA TRP A 37 -7.78 -11.04 6.35
C TRP A 37 -9.07 -11.27 7.10
N TYR A 38 -9.13 -12.37 7.86
CA TYR A 38 -10.32 -12.70 8.62
C TYR A 38 -10.68 -11.59 9.60
N MET A 39 -9.66 -11.01 10.22
CA MET A 39 -9.86 -9.94 11.19
C MET A 39 -10.53 -8.74 10.52
N LYS A 40 -10.18 -8.49 9.27
CA LYS A 40 -10.74 -7.37 8.52
C LYS A 40 -12.15 -7.71 8.01
N MET A 41 -12.35 -8.97 7.65
CA MET A 41 -13.64 -9.43 7.15
C MET A 41 -14.77 -8.98 8.08
N MET A 42 -14.48 -8.91 9.37
CA MET A 42 -15.47 -8.50 10.35
C MET A 42 -16.12 -7.19 9.94
N TRP A 43 -15.34 -6.30 9.33
CA TRP A 43 -15.85 -5.00 8.88
C TRP A 43 -16.92 -5.18 7.81
N ALA A 44 -16.73 -6.17 6.95
CA ALA A 44 -17.69 -6.45 5.89
C ALA A 44 -18.85 -7.30 6.39
N TRP A 45 -18.55 -8.21 7.31
CA TRP A 45 -19.58 -9.09 7.87
C TRP A 45 -20.72 -8.28 8.45
N LEU A 46 -20.42 -7.44 9.43
CA LEU A 46 -21.43 -6.61 10.07
C LEU A 46 -22.24 -5.83 9.04
N GLN A 47 -21.56 -5.38 7.98
CA GLN A 47 -22.22 -4.63 6.92
C GLN A 47 -23.12 -5.53 6.09
N ALA A 48 -22.73 -6.80 5.97
CA ALA A 48 -23.50 -7.77 5.20
C ALA A 48 -24.75 -8.21 5.96
N LYS A 49 -24.65 -8.25 7.29
CA LYS A 49 -25.77 -8.64 8.12
C LYS A 49 -26.25 -10.05 7.77
N ARG A 50 -25.40 -11.04 8.00
CA ARG A 50 -25.74 -12.42 7.70
C ARG A 50 -25.74 -13.26 8.98
#